data_7BAH
#
_entry.id   7BAH
#
_cell.length_a   81.920
_cell.length_b   81.920
_cell.length_c   111.870
_cell.angle_alpha   90.000
_cell.angle_beta   90.000
_cell.angle_gamma   120.000
#
_symmetry.space_group_name_H-M   'P 65'
#
loop_
_entity.id
_entity.type
_entity.pdbx_description
1 polymer 'Antiviral innate immune response receptor RIG-I'
2 polymer "RNA (5'-R(*GP*AP*CP*GP*CP*UP*AP*GP*CP*GP*UP*C)-3')"
3 non-polymer 'ZINC ION'
4 water water
#
loop_
_entity_poly.entity_id
_entity_poly.type
_entity_poly.pdbx_seq_one_letter_code
_entity_poly.pdbx_strand_id
1 'polypeptide(L)'
;GAMDKENKKLLCRKCKALACYTADVRVIEECHYTVLGDAFKECFVSRPHPKPKQFSSFEKRAKIFCARQNCSHDWGIHVK
YKTFEIPVIKIESFVVEDIATGVQTLYSKWKDFHFEKIPFDPAEMSK
;
A,B
2 'polyribonucleotide' GACGCUAGCGUC C,D
#
loop_
_chem_comp.id
_chem_comp.type
_chem_comp.name
_chem_comp.formula
A RNA linking ADENOSINE-5'-MONOPHOSPHATE 'C10 H14 N5 O7 P'
C RNA linking CYTIDINE-5'-MONOPHOSPHATE 'C9 H14 N3 O8 P'
G RNA linking GUANOSINE-5'-MONOPHOSPHATE 'C10 H14 N5 O8 P'
U RNA linking URIDINE-5'-MONOPHOSPHATE 'C9 H13 N2 O9 P'
ZN non-polymer 'ZINC ION' 'Zn 2'
#
# COMPACT_ATOMS: atom_id res chain seq x y z
N LYS A 5 3.52 24.49 6.75
CA LYS A 5 2.25 25.20 6.66
C LYS A 5 1.62 25.37 8.04
N GLU A 6 0.31 25.16 8.20
CA GLU A 6 -0.28 25.36 9.53
C GLU A 6 0.18 24.27 10.49
N ASN A 7 0.17 24.61 11.78
CA ASN A 7 0.54 23.66 12.82
C ASN A 7 -0.61 22.69 13.08
N LYS A 8 -0.26 21.50 13.57
CA LYS A 8 -1.22 20.43 13.73
C LYS A 8 -0.85 19.61 14.97
N LYS A 9 -1.84 18.90 15.50
CA LYS A 9 -1.69 18.01 16.64
C LYS A 9 -1.55 16.56 16.18
N LEU A 10 -0.82 15.78 16.96
CA LEU A 10 -0.71 14.34 16.76
C LEU A 10 -1.29 13.67 17.99
N LEU A 11 -2.36 12.89 17.81
CA LEU A 11 -2.96 12.16 18.91
C LEU A 11 -2.66 10.68 18.74
N CYS A 12 -2.53 9.98 19.86
CA CYS A 12 -2.35 8.53 19.79
C CYS A 12 -3.58 7.92 19.09
N ARG A 13 -3.33 7.15 18.04
CA ARG A 13 -4.44 6.64 17.23
C ARG A 13 -5.34 5.71 18.02
N LYS A 14 -4.82 5.05 19.06
CA LYS A 14 -5.65 4.13 19.84
C LYS A 14 -6.51 4.88 20.86
N CYS A 15 -5.89 5.72 21.69
CA CYS A 15 -6.61 6.38 22.78
C CYS A 15 -6.82 7.88 22.56
N LYS A 16 -6.36 8.43 21.44
CA LYS A 16 -6.60 9.83 21.05
C LYS A 16 -5.98 10.82 22.04
N ALA A 17 -5.04 10.37 22.86
CA ALA A 17 -4.32 11.27 23.76
C ALA A 17 -3.29 12.08 22.97
N LEU A 18 -3.16 13.35 23.34
CA LEU A 18 -2.23 14.22 22.64
C LEU A 18 -0.79 13.78 22.92
N ALA A 19 0.03 13.76 21.86
CA ALA A 19 1.42 13.38 21.94
C ALA A 19 2.37 14.54 21.72
N CYS A 20 2.19 15.29 20.64
CA CYS A 20 3.12 16.37 20.28
C CYS A 20 2.47 17.25 19.21
N TYR A 21 3.24 18.26 18.76
CA TYR A 21 2.85 19.17 17.70
C TYR A 21 3.86 19.12 16.57
N THR A 22 3.41 19.53 15.37
CA THR A 22 4.29 19.53 14.21
C THR A 22 5.43 20.54 14.35
N ALA A 23 5.29 21.53 15.23
CA ALA A 23 6.37 22.49 15.43
C ALA A 23 7.58 21.84 16.09
N ASP A 24 7.37 20.82 16.89
CA ASP A 24 8.45 20.15 17.61
C ASP A 24 8.99 18.95 16.87
N VAL A 25 8.58 18.74 15.63
CA VAL A 25 9.03 17.60 14.85
C VAL A 25 10.26 18.01 14.04
N ARG A 26 11.31 17.21 14.11
CA ARG A 26 12.50 17.41 13.31
C ARG A 26 12.78 16.16 12.50
N VAL A 27 13.43 16.34 11.36
CA VAL A 27 13.65 15.27 10.39
C VAL A 27 15.15 14.97 10.35
N ILE A 28 15.48 13.68 10.45
CA ILE A 28 16.83 13.17 10.40
C ILE A 28 16.99 12.43 9.09
N GLU A 29 17.96 12.86 8.27
CA GLU A 29 18.31 12.21 7.01
C GLU A 29 17.12 12.15 6.04
N GLU A 30 16.20 13.11 6.18
CA GLU A 30 14.99 13.22 5.36
C GLU A 30 14.22 11.90 5.30
N CYS A 31 14.34 11.07 6.33
CA CYS A 31 13.63 9.81 6.32
C CYS A 31 13.04 9.50 7.69
N HIS A 32 13.75 9.87 8.75
CA HIS A 32 13.36 9.55 10.11
C HIS A 32 12.87 10.81 10.81
N TYR A 33 11.97 10.66 11.78
CA TYR A 33 11.33 11.79 12.42
C TYR A 33 11.41 11.68 13.95
N THR A 34 11.95 12.71 14.59
CA THR A 34 12.08 12.77 16.03
C THR A 34 11.31 13.98 16.57
N VAL A 35 11.07 13.96 17.88
CA VAL A 35 10.32 15.01 18.56
C VAL A 35 11.22 15.70 19.56
N LEU A 36 11.19 17.04 19.56
CA LEU A 36 11.96 17.86 20.48
C LEU A 36 11.10 18.28 21.66
N GLY A 37 11.74 18.55 22.78
CA GLY A 37 11.04 19.07 23.93
C GLY A 37 10.92 18.04 25.04
N ASP A 38 10.69 18.56 26.25
CA ASP A 38 10.55 17.72 27.43
C ASP A 38 9.12 17.27 27.68
N ALA A 39 8.13 17.99 27.15
CA ALA A 39 6.75 17.58 27.32
C ALA A 39 6.48 16.22 26.70
N PHE A 40 7.16 15.90 25.59
CA PHE A 40 6.92 14.63 24.93
C PHE A 40 7.47 13.45 25.73
N LYS A 41 8.55 13.67 26.50
CA LYS A 41 9.12 12.58 27.28
C LYS A 41 8.16 12.06 28.33
N GLU A 42 7.21 12.88 28.76
CA GLU A 42 6.16 12.45 29.68
C GLU A 42 5.08 11.63 29.00
N CYS A 43 5.07 11.58 27.67
CA CYS A 43 3.98 10.96 26.92
C CYS A 43 4.26 9.54 26.48
N PHE A 44 5.51 9.08 26.55
CA PHE A 44 5.85 7.74 26.11
C PHE A 44 6.68 7.02 27.17
N VAL A 45 6.58 5.70 27.15
CA VAL A 45 7.43 4.82 27.94
C VAL A 45 8.23 3.96 26.98
N SER A 46 9.32 3.40 27.48
CA SER A 46 10.23 2.64 26.63
C SER A 46 10.41 1.24 27.19
N ARG A 47 10.83 0.34 26.29
CA ARG A 47 11.06 -1.04 26.63
C ARG A 47 12.20 -1.51 25.72
N PRO A 48 13.26 -2.11 26.26
CA PRO A 48 14.40 -2.49 25.42
C PRO A 48 13.94 -3.28 24.20
N HIS A 49 14.52 -2.95 23.04
CA HIS A 49 14.01 -3.47 21.79
C HIS A 49 14.20 -4.98 21.71
N PRO A 50 13.20 -5.72 21.23
CA PRO A 50 13.35 -7.18 21.13
C PRO A 50 14.41 -7.58 20.12
N LYS A 51 14.59 -6.83 19.04
CA LYS A 51 15.63 -7.08 18.04
C LYS A 51 16.45 -5.81 17.87
N PRO A 52 17.37 -5.52 18.79
CA PRO A 52 18.21 -4.34 18.63
C PRO A 52 19.11 -4.48 17.42
N LYS A 53 19.31 -3.37 16.72
CA LYS A 53 20.00 -3.38 15.45
C LYS A 53 20.63 -2.02 15.22
N GLN A 54 21.80 -2.01 14.59
CA GLN A 54 22.41 -0.77 14.14
C GLN A 54 22.16 -0.63 12.65
N PHE A 55 21.69 0.54 12.24
CA PHE A 55 21.47 0.80 10.82
C PHE A 55 21.63 2.30 10.58
N SER A 56 22.25 2.65 9.46
CA SER A 56 22.55 4.04 9.14
C SER A 56 23.34 4.69 10.27
N SER A 57 22.75 5.71 10.90
CA SER A 57 23.38 6.40 12.03
C SER A 57 22.64 6.13 13.33
N PHE A 58 21.94 5.01 13.43
CA PHE A 58 21.04 4.69 14.51
C PHE A 58 21.41 3.37 15.17
N GLU A 59 21.30 3.34 16.50
CA GLU A 59 21.34 2.10 17.27
C GLU A 59 19.96 1.87 17.86
N LYS A 60 19.27 0.84 17.37
CA LYS A 60 17.91 0.52 17.83
C LYS A 60 18.01 -0.04 19.24
N ARG A 61 17.67 0.78 20.23
CA ARG A 61 17.83 0.40 21.63
C ARG A 61 16.53 0.05 22.33
N ALA A 62 15.42 0.65 21.91
CA ALA A 62 14.15 0.40 22.59
C ALA A 62 13.00 0.61 21.63
N LYS A 63 11.86 0.03 22.00
CA LYS A 63 10.55 0.36 21.47
C LYS A 63 9.89 1.37 22.41
N ILE A 64 9.07 2.24 21.84
CA ILE A 64 8.38 3.25 22.64
C ILE A 64 6.88 3.04 22.49
N PHE A 65 6.16 3.36 23.56
CA PHE A 65 4.74 3.10 23.65
C PHE A 65 4.04 4.26 24.31
N CYS A 66 2.76 4.41 24.00
CA CYS A 66 1.93 5.39 24.67
C CYS A 66 1.98 5.17 26.18
N ALA A 67 2.21 6.25 26.93
CA ALA A 67 2.36 6.14 28.37
C ALA A 67 1.05 5.86 29.08
N ARG A 68 -0.09 6.08 28.44
CA ARG A 68 -1.36 5.74 29.06
C ARG A 68 -1.44 4.24 29.29
N GLN A 69 -1.72 3.85 30.54
CA GLN A 69 -1.67 2.44 30.91
C GLN A 69 -2.68 1.62 30.14
N ASN A 70 -3.91 2.13 30.02
CA ASN A 70 -4.96 1.44 29.27
C ASN A 70 -4.72 1.45 27.78
N CYS A 71 -3.55 1.88 27.32
CA CYS A 71 -3.31 1.99 25.90
C CYS A 71 -2.01 1.32 25.49
N SER A 72 -0.89 1.94 25.84
CA SER A 72 0.44 1.40 25.57
C SER A 72 0.61 1.08 24.09
N HIS A 73 0.02 1.91 23.24
CA HIS A 73 0.09 1.69 21.81
C HIS A 73 1.52 1.86 21.32
N ASP A 74 1.95 0.95 20.43
CA ASP A 74 3.28 1.03 19.83
C ASP A 74 3.43 2.30 19.02
N TRP A 75 4.42 3.13 19.39
CA TRP A 75 4.62 4.42 18.77
C TRP A 75 5.88 4.49 17.91
N GLY A 76 6.80 3.55 18.05
CA GLY A 76 8.02 3.58 17.31
C GLY A 76 9.15 2.96 18.11
N ILE A 77 10.33 3.57 18.02
CA ILE A 77 11.54 3.07 18.67
C ILE A 77 12.23 4.22 19.38
N HIS A 78 13.28 3.88 20.14
CA HIS A 78 14.16 4.87 20.74
C HIS A 78 15.59 4.46 20.39
N VAL A 79 16.35 5.40 19.84
CA VAL A 79 17.64 5.07 19.24
C VAL A 79 18.74 5.92 19.85
N LYS A 80 19.97 5.46 19.64
CA LYS A 80 21.17 6.23 19.90
C LYS A 80 21.62 6.80 18.56
N TYR A 81 21.47 8.11 18.38
CA TYR A 81 21.88 8.82 17.17
C TYR A 81 22.96 9.82 17.56
N LYS A 82 24.17 9.61 17.04
CA LYS A 82 25.31 10.44 17.38
C LYS A 82 25.53 10.41 18.88
N THR A 83 25.27 11.52 19.57
CA THR A 83 25.45 11.60 21.01
C THR A 83 24.13 11.74 21.74
N PHE A 84 23.03 11.40 21.09
CA PHE A 84 21.69 11.65 21.60
C PHE A 84 20.94 10.33 21.71
N GLU A 85 20.14 10.20 22.77
CA GLU A 85 19.17 9.12 22.89
C GLU A 85 17.82 9.76 22.57
N ILE A 86 17.31 9.47 21.37
CA ILE A 86 16.13 10.20 20.88
C ILE A 86 15.06 9.22 20.41
N PRO A 87 13.79 9.60 20.45
CA PRO A 87 12.75 8.73 19.92
C PRO A 87 12.61 8.91 18.42
N VAL A 88 12.15 7.85 17.76
CA VAL A 88 11.81 7.85 16.35
C VAL A 88 10.42 7.25 16.22
N ILE A 89 9.47 8.04 15.71
CA ILE A 89 8.06 7.69 15.72
C ILE A 89 7.60 7.34 14.31
N LYS A 90 6.57 6.49 14.23
CA LYS A 90 5.92 6.15 12.98
C LYS A 90 4.52 6.76 12.94
N ILE A 91 4.18 7.38 11.81
CA ILE A 91 2.93 8.13 11.70
C ILE A 91 1.70 7.23 11.80
N GLU A 92 1.83 5.95 11.45
CA GLU A 92 0.68 5.05 11.49
C GLU A 92 0.12 4.89 12.91
N SER A 93 0.89 5.26 13.92
CA SER A 93 0.45 5.16 15.30
C SER A 93 -0.33 6.37 15.77
N PHE A 94 -0.55 7.37 14.90
CA PHE A 94 -1.15 8.62 15.31
C PHE A 94 -2.24 9.06 14.33
N VAL A 95 -3.06 9.99 14.80
CA VAL A 95 -4.04 10.69 13.99
C VAL A 95 -3.72 12.18 14.03
N VAL A 96 -3.70 12.82 12.86
CA VAL A 96 -3.30 14.22 12.74
C VAL A 96 -4.55 15.09 12.78
N GLU A 97 -4.60 16.04 13.72
CA GLU A 97 -5.73 16.94 13.86
C GLU A 97 -5.30 18.35 13.51
N ASP A 98 -6.07 19.01 12.64
CA ASP A 98 -5.79 20.40 12.31
C ASP A 98 -6.28 21.29 13.45
N ILE A 99 -5.46 22.29 13.80
CA ILE A 99 -5.76 23.13 14.95
C ILE A 99 -6.99 23.99 14.69
N ALA A 100 -7.03 24.65 13.53
CA ALA A 100 -8.10 25.60 13.26
C ALA A 100 -9.44 24.93 13.04
N THR A 101 -9.45 23.75 12.40
CA THR A 101 -10.68 23.11 11.98
C THR A 101 -11.03 21.83 12.72
N GLY A 102 -10.05 21.18 13.35
CA GLY A 102 -10.29 19.88 13.95
C GLY A 102 -10.38 18.73 12.98
N VAL A 103 -10.13 18.95 11.68
CA VAL A 103 -10.17 17.87 10.72
C VAL A 103 -9.10 16.85 11.06
N GLN A 104 -9.48 15.58 11.09
CA GLN A 104 -8.57 14.50 11.40
C GLN A 104 -8.16 13.74 10.15
N THR A 105 -6.90 13.34 10.10
CA THR A 105 -6.32 12.66 8.96
C THR A 105 -5.50 11.47 9.47
N LEU A 106 -5.65 10.33 8.80
CA LEU A 106 -4.93 9.11 9.12
C LEU A 106 -3.92 8.86 8.01
N TYR A 107 -2.64 9.04 8.33
CA TYR A 107 -1.55 8.73 7.42
C TYR A 107 -0.94 7.38 7.78
N SER A 108 -0.42 6.70 6.76
CA SER A 108 0.29 5.45 6.96
C SER A 108 1.79 5.59 6.75
N LYS A 109 2.23 6.50 5.88
CA LYS A 109 3.63 6.77 5.64
C LYS A 109 3.90 8.26 5.68
N TRP A 110 5.10 8.61 6.16
CA TRP A 110 5.48 10.02 6.30
C TRP A 110 5.53 10.75 4.97
N LYS A 111 5.80 10.04 3.88
CA LYS A 111 5.89 10.68 2.56
C LYS A 111 4.57 11.31 2.13
N ASP A 112 3.45 10.89 2.70
CA ASP A 112 2.14 11.43 2.34
C ASP A 112 1.73 12.61 3.21
N PHE A 113 2.45 12.87 4.30
CA PHE A 113 2.17 14.00 5.19
C PHE A 113 3.00 15.20 4.75
N HIS A 114 2.33 16.25 4.30
CA HIS A 114 2.99 17.43 3.77
C HIS A 114 2.85 18.57 4.76
N PHE A 115 3.97 18.95 5.39
CA PHE A 115 4.03 20.07 6.30
C PHE A 115 5.46 20.62 6.24
N GLU A 116 5.72 21.69 6.99
CA GLU A 116 7.06 22.27 7.03
C GLU A 116 7.96 21.33 7.82
N LYS A 117 8.76 20.56 7.12
CA LYS A 117 9.64 19.57 7.75
C LYS A 117 10.98 20.22 8.04
N ILE A 118 11.19 20.56 9.31
CA ILE A 118 12.42 21.22 9.76
C ILE A 118 13.49 20.18 9.99
N PRO A 119 14.64 20.29 9.33
CA PRO A 119 15.70 19.29 9.52
C PRO A 119 16.22 19.31 10.94
N PHE A 120 16.53 18.13 11.46
CA PHE A 120 17.09 18.01 12.80
C PHE A 120 18.43 18.71 12.87
N ASP A 121 18.61 19.52 13.90
CA ASP A 121 19.86 20.23 14.11
C ASP A 121 20.38 19.86 15.49
N PRO A 122 21.56 19.24 15.60
CA PRO A 122 22.08 18.87 16.94
C PRO A 122 22.27 20.07 17.84
N ALA A 123 22.53 21.24 17.28
CA ALA A 123 22.65 22.45 18.09
C ALA A 123 21.31 22.92 18.61
N GLU A 124 20.23 22.63 17.91
CA GLU A 124 18.90 23.10 18.33
C GLU A 124 18.41 22.24 19.48
N MET A 125 18.50 22.80 20.69
CA MET A 125 17.88 22.23 21.90
C MET A 125 18.00 20.72 22.00
N ASP B 4 -2.27 7.55 -20.13
CA ASP B 4 -2.46 7.19 -21.52
C ASP B 4 -3.70 6.33 -21.72
N LYS B 5 -4.53 6.73 -22.68
CA LYS B 5 -5.66 5.94 -23.13
C LYS B 5 -5.32 5.10 -24.36
N GLU B 6 -4.06 5.14 -24.80
CA GLU B 6 -3.64 4.35 -25.95
C GLU B 6 -3.68 2.87 -25.60
N ASN B 7 -3.82 2.04 -26.63
CA ASN B 7 -3.85 0.60 -26.43
C ASN B 7 -2.53 0.12 -25.82
N LYS B 8 -2.63 -0.89 -24.95
CA LYS B 8 -1.47 -1.39 -24.23
C LYS B 8 -1.53 -2.90 -24.16
N LYS B 9 -0.36 -3.51 -24.02
CA LYS B 9 -0.17 -4.95 -23.86
C LYS B 9 -0.08 -5.30 -22.39
N LEU B 10 -0.50 -6.52 -22.06
CA LEU B 10 -0.29 -7.09 -20.75
C LEU B 10 0.57 -8.33 -20.93
N LEU B 11 1.72 -8.36 -20.27
CA LEU B 11 2.62 -9.50 -20.30
C LEU B 11 2.64 -10.15 -18.93
N CYS B 12 2.85 -11.46 -18.91
CA CYS B 12 3.04 -12.16 -17.65
C CYS B 12 4.25 -11.58 -16.94
N ARG B 13 4.04 -11.03 -15.74
CA ARG B 13 5.15 -10.41 -15.03
C ARG B 13 6.30 -11.38 -14.78
N LYS B 14 6.00 -12.68 -14.72
CA LYS B 14 7.05 -13.66 -14.45
C LYS B 14 7.83 -14.01 -15.71
N CYS B 15 7.13 -14.43 -16.77
CA CYS B 15 7.79 -14.93 -17.98
C CYS B 15 7.65 -13.99 -19.17
N LYS B 16 6.98 -12.85 -19.00
CA LYS B 16 6.87 -11.81 -20.03
C LYS B 16 6.15 -12.31 -21.28
N ALA B 17 5.38 -13.38 -21.16
CA ALA B 17 4.56 -13.83 -22.28
C ALA B 17 3.37 -12.91 -22.43
N LEU B 18 2.99 -12.65 -23.69
CA LEU B 18 1.81 -11.83 -23.96
C LEU B 18 0.56 -12.55 -23.48
N ALA B 19 -0.32 -11.81 -22.80
CA ALA B 19 -1.59 -12.31 -22.29
C ALA B 19 -2.79 -11.71 -23.01
N CYS B 20 -2.87 -10.38 -23.11
CA CYS B 20 -4.02 -9.73 -23.72
C CYS B 20 -3.67 -8.28 -24.02
N TYR B 21 -4.65 -7.55 -24.53
CA TYR B 21 -4.56 -6.12 -24.82
C TYR B 21 -5.67 -5.38 -24.08
N THR B 22 -5.42 -4.10 -23.79
CA THR B 22 -6.41 -3.30 -23.06
C THR B 22 -7.70 -3.13 -23.84
N ALA B 23 -7.65 -3.25 -25.17
CA ALA B 23 -8.86 -3.09 -25.97
C ALA B 23 -9.88 -4.18 -25.68
N ASP B 24 -9.44 -5.36 -25.24
CA ASP B 24 -10.33 -6.47 -24.93
C ASP B 24 -10.68 -6.55 -23.45
N VAL B 25 -10.32 -5.56 -22.67
CA VAL B 25 -10.59 -5.57 -21.24
C VAL B 25 -11.94 -4.94 -20.99
N ARG B 26 -12.75 -5.60 -20.16
CA ARG B 26 -14.03 -5.06 -19.71
C ARG B 26 -14.05 -5.01 -18.19
N VAL B 27 -14.81 -4.05 -17.66
CA VAL B 27 -14.88 -3.80 -16.24
C VAL B 27 -16.26 -4.21 -15.75
N ILE B 28 -16.29 -5.00 -14.67
CA ILE B 28 -17.51 -5.48 -14.05
C ILE B 28 -17.64 -4.80 -12.69
N GLU B 29 -18.76 -4.11 -12.48
CA GLU B 29 -19.06 -3.40 -11.23
C GLU B 29 -17.97 -2.41 -10.85
N GLU B 30 -17.31 -1.82 -11.87
CA GLU B 30 -16.29 -0.79 -11.68
C GLU B 30 -15.15 -1.26 -10.78
N CYS B 31 -15.04 -2.56 -10.55
CA CYS B 31 -14.09 -3.10 -9.58
C CYS B 31 -13.30 -4.27 -10.12
N HIS B 32 -13.93 -5.17 -10.87
CA HIS B 32 -13.27 -6.38 -11.35
C HIS B 32 -13.04 -6.28 -12.86
N TYR B 33 -12.04 -6.99 -13.36
CA TYR B 33 -11.62 -6.85 -14.75
C TYR B 33 -11.57 -8.21 -15.43
N THR B 34 -12.17 -8.30 -16.61
CA THR B 34 -12.20 -9.52 -17.42
C THR B 34 -11.68 -9.21 -18.83
N VAL B 35 -11.38 -10.26 -19.58
CA VAL B 35 -10.86 -10.14 -20.95
C VAL B 35 -11.80 -10.88 -21.89
N LEU B 36 -12.09 -10.26 -23.03
CA LEU B 36 -12.95 -10.84 -24.04
C LEU B 36 -12.12 -11.56 -25.11
N GLY B 37 -12.74 -12.54 -25.75
CA GLY B 37 -12.13 -13.24 -26.86
C GLY B 37 -11.64 -14.63 -26.45
N ASP B 38 -11.44 -15.46 -27.48
CA ASP B 38 -10.97 -16.82 -27.25
C ASP B 38 -9.46 -16.95 -27.30
N ALA B 39 -8.75 -15.96 -27.87
CA ALA B 39 -7.30 -16.02 -27.90
C ALA B 39 -6.71 -15.99 -26.50
N PHE B 40 -7.39 -15.35 -25.55
CA PHE B 40 -6.90 -15.28 -24.19
C PHE B 40 -7.10 -16.60 -23.43
N LYS B 41 -8.13 -17.37 -23.81
CA LYS B 41 -8.38 -18.63 -23.12
C LYS B 41 -7.23 -19.61 -23.30
N GLU B 42 -6.47 -19.47 -24.38
CA GLU B 42 -5.31 -20.31 -24.60
C GLU B 42 -4.11 -19.90 -23.75
N CYS B 43 -4.10 -18.66 -23.23
CA CYS B 43 -2.96 -18.13 -22.48
C CYS B 43 -3.02 -18.44 -20.98
N PHE B 44 -4.08 -19.08 -20.50
CA PHE B 44 -4.15 -19.42 -19.09
C PHE B 44 -4.73 -20.82 -18.92
N VAL B 45 -4.37 -21.44 -17.81
CA VAL B 45 -4.96 -22.70 -17.40
C VAL B 45 -5.65 -22.50 -16.07
N SER B 46 -6.65 -23.33 -15.79
CA SER B 46 -7.43 -23.21 -14.57
C SER B 46 -7.39 -24.52 -13.79
N ARG B 47 -7.56 -24.39 -12.48
CA ARG B 47 -7.74 -25.53 -11.60
CA ARG B 47 -7.73 -25.53 -11.58
C ARG B 47 -8.85 -25.20 -10.62
N PRO B 48 -9.69 -26.17 -10.28
CA PRO B 48 -10.77 -25.92 -9.32
C PRO B 48 -10.23 -25.29 -8.04
N HIS B 49 -10.91 -24.25 -7.57
CA HIS B 49 -10.37 -23.43 -6.49
C HIS B 49 -10.26 -24.25 -5.21
N PRO B 50 -9.14 -24.19 -4.50
CA PRO B 50 -9.03 -24.93 -3.23
C PRO B 50 -10.04 -24.49 -2.20
N LYS B 51 -10.58 -23.29 -2.31
CA LYS B 51 -11.60 -22.79 -1.39
C LYS B 51 -12.58 -21.91 -2.18
N PRO B 52 -13.53 -22.52 -2.88
CA PRO B 52 -14.50 -21.74 -3.64
C PRO B 52 -15.43 -20.96 -2.72
N LYS B 53 -15.82 -19.77 -3.18
CA LYS B 53 -16.59 -18.85 -2.36
C LYS B 53 -17.55 -18.09 -3.26
N GLN B 54 -18.64 -17.61 -2.68
CA GLN B 54 -19.57 -16.73 -3.36
C GLN B 54 -19.52 -15.37 -2.69
N PHE B 55 -19.32 -14.32 -3.48
CA PHE B 55 -19.29 -12.96 -2.98
C PHE B 55 -19.88 -12.04 -4.04
N SER B 56 -20.61 -11.02 -3.58
CA SER B 56 -21.26 -10.04 -4.45
C SER B 56 -22.06 -10.73 -5.55
N SER B 57 -21.57 -10.69 -6.79
CA SER B 57 -22.26 -11.30 -7.93
C SER B 57 -21.42 -12.39 -8.59
N PHE B 58 -20.42 -12.93 -7.90
CA PHE B 58 -19.50 -13.90 -8.47
C PHE B 58 -19.56 -15.23 -7.75
N GLU B 59 -19.25 -16.29 -8.47
CA GLU B 59 -19.02 -17.62 -7.91
C GLU B 59 -17.57 -17.99 -8.20
N LYS B 60 -16.71 -17.85 -7.20
CA LYS B 60 -15.30 -18.23 -7.31
C LYS B 60 -15.21 -19.74 -7.50
N ARG B 61 -14.93 -20.16 -8.74
CA ARG B 61 -14.87 -21.58 -9.06
C ARG B 61 -13.47 -22.11 -9.30
N ALA B 62 -12.55 -21.30 -9.80
CA ALA B 62 -11.23 -21.80 -10.15
C ALA B 62 -10.18 -20.73 -9.96
N LYS B 63 -8.93 -21.18 -9.85
CA LYS B 63 -7.76 -20.33 -9.98
C LYS B 63 -7.20 -20.46 -11.39
N ILE B 64 -6.65 -19.36 -11.89
CA ILE B 64 -6.07 -19.34 -13.23
C ILE B 64 -4.61 -18.93 -13.13
N PHE B 65 -3.82 -19.52 -14.03
CA PHE B 65 -2.38 -19.38 -14.03
C PHE B 65 -1.91 -19.21 -15.46
N CYS B 66 -0.70 -18.70 -15.60
CA CYS B 66 -0.06 -18.62 -16.90
C CYS B 66 0.05 -20.01 -17.51
N ALA B 67 -0.40 -20.14 -18.77
CA ALA B 67 -0.48 -21.45 -19.41
C ALA B 67 0.89 -22.06 -19.66
N ARG B 68 1.94 -21.25 -19.70
CA ARG B 68 3.29 -21.79 -19.89
C ARG B 68 3.66 -22.68 -18.71
N GLN B 69 3.83 -23.98 -18.98
CA GLN B 69 4.02 -24.95 -17.92
C GLN B 69 5.25 -24.66 -17.08
N ASN B 70 6.26 -24.02 -17.67
CA ASN B 70 7.44 -23.58 -16.96
C ASN B 70 7.20 -22.34 -16.09
N CYS B 71 6.01 -21.75 -16.16
CA CYS B 71 5.72 -20.51 -15.45
C CYS B 71 4.62 -20.71 -14.42
N SER B 72 3.38 -20.98 -14.86
CA SER B 72 2.26 -21.25 -13.96
C SER B 72 2.07 -20.12 -12.95
N HIS B 73 2.39 -18.91 -13.36
CA HIS B 73 2.26 -17.75 -12.47
C HIS B 73 0.79 -17.49 -12.19
N ASP B 74 0.48 -17.30 -10.91
CA ASP B 74 -0.89 -17.01 -10.51
C ASP B 74 -1.37 -15.72 -11.17
N TRP B 75 -2.47 -15.81 -11.92
CA TRP B 75 -3.01 -14.65 -12.62
C TRP B 75 -4.33 -14.15 -12.06
N GLY B 76 -5.06 -14.96 -11.31
CA GLY B 76 -6.34 -14.55 -10.79
C GLY B 76 -7.25 -15.76 -10.55
N ILE B 77 -8.53 -15.58 -10.87
CA ILE B 77 -9.54 -16.60 -10.62
C ILE B 77 -10.46 -16.71 -11.82
N HIS B 78 -11.32 -17.72 -11.79
CA HIS B 78 -12.35 -17.91 -12.81
C HIS B 78 -13.69 -18.03 -12.10
N VAL B 79 -14.67 -17.22 -12.51
CA VAL B 79 -15.91 -17.10 -11.77
C VAL B 79 -17.11 -17.36 -12.68
N LYS B 80 -18.25 -17.57 -12.03
CA LYS B 80 -19.54 -17.59 -12.68
C LYS B 80 -20.23 -16.26 -12.39
N TYR B 81 -20.38 -15.43 -13.43
CA TYR B 81 -21.00 -14.12 -13.35
C TYR B 81 -22.23 -14.11 -14.23
N LYS B 82 -23.40 -13.92 -13.61
CA LYS B 82 -24.67 -14.00 -14.30
C LYS B 82 -24.78 -15.34 -15.03
N THR B 83 -24.83 -15.30 -16.36
CA THR B 83 -24.98 -16.52 -17.16
C THR B 83 -23.67 -16.91 -17.85
N PHE B 84 -22.53 -16.42 -17.35
CA PHE B 84 -21.27 -16.58 -18.05
C PHE B 84 -20.22 -17.11 -17.08
N GLU B 85 -19.25 -17.84 -17.61
CA GLU B 85 -18.09 -18.24 -16.83
C GLU B 85 -16.90 -17.48 -17.40
N ILE B 86 -16.36 -16.55 -16.63
CA ILE B 86 -15.36 -15.63 -17.16
C ILE B 86 -14.17 -15.57 -16.21
N PRO B 87 -12.98 -15.23 -16.71
CA PRO B 87 -11.82 -15.03 -15.85
C PRO B 87 -11.75 -13.61 -15.31
N VAL B 88 -11.23 -13.50 -14.09
CA VAL B 88 -11.01 -12.23 -13.42
C VAL B 88 -9.54 -12.17 -13.02
N ILE B 89 -8.84 -11.11 -13.46
CA ILE B 89 -7.39 -11.02 -13.36
C ILE B 89 -6.99 -9.92 -12.38
N LYS B 90 -5.78 -10.05 -11.85
CA LYS B 90 -5.15 -9.03 -11.00
C LYS B 90 -3.95 -8.46 -11.73
N ILE B 91 -3.84 -7.12 -11.74
CA ILE B 91 -2.80 -6.47 -12.52
C ILE B 91 -1.41 -6.72 -11.94
N GLU B 92 -1.30 -7.10 -10.66
CA GLU B 92 0.00 -7.34 -10.07
C GLU B 92 0.71 -8.52 -10.70
N SER B 93 0.00 -9.37 -11.45
CA SER B 93 0.61 -10.49 -12.14
C SER B 93 1.12 -10.14 -13.53
N PHE B 94 1.11 -8.86 -13.89
CA PHE B 94 1.37 -8.47 -15.27
C PHE B 94 2.22 -7.21 -15.32
N VAL B 95 2.90 -7.06 -16.46
CA VAL B 95 3.61 -5.85 -16.85
C VAL B 95 2.79 -5.20 -17.96
N VAL B 96 2.52 -3.91 -17.84
CA VAL B 96 1.76 -3.17 -18.85
C VAL B 96 2.75 -2.49 -19.78
N GLU B 97 2.67 -2.79 -21.07
CA GLU B 97 3.58 -2.24 -22.05
C GLU B 97 2.84 -1.35 -23.03
N ASP B 98 3.32 -0.13 -23.21
CA ASP B 98 2.74 0.74 -24.22
C ASP B 98 3.15 0.25 -25.60
N ILE B 99 2.17 0.03 -26.48
CA ILE B 99 2.47 -0.52 -27.81
C ILE B 99 3.31 0.48 -28.62
N ALA B 100 2.98 1.77 -28.56
CA ALA B 100 3.67 2.74 -29.39
C ALA B 100 5.13 2.88 -28.97
N THR B 101 5.38 3.08 -27.69
CA THR B 101 6.72 3.40 -27.19
C THR B 101 7.47 2.20 -26.61
N GLY B 102 6.76 1.16 -26.18
CA GLY B 102 7.39 0.05 -25.49
C GLY B 102 7.58 0.25 -24.01
N VAL B 103 7.11 1.38 -23.46
CA VAL B 103 7.32 1.68 -22.05
C VAL B 103 6.54 0.68 -21.19
N GLN B 104 7.23 0.10 -20.22
CA GLN B 104 6.62 -0.88 -19.33
C GLN B 104 6.35 -0.25 -17.97
N THR B 105 5.29 -0.72 -17.34
CA THR B 105 4.81 -0.20 -16.07
C THR B 105 4.34 -1.35 -15.21
N LEU B 106 4.76 -1.34 -13.95
CA LEU B 106 4.39 -2.35 -12.97
C LEU B 106 3.37 -1.72 -12.03
N TYR B 107 2.12 -2.13 -12.16
CA TYR B 107 1.07 -1.74 -11.24
C TYR B 107 0.85 -2.82 -10.21
N SER B 108 0.41 -2.41 -9.02
CA SER B 108 -0.02 -3.34 -8.00
C SER B 108 -1.53 -3.37 -7.83
N LYS B 109 -2.20 -2.25 -8.10
CA LYS B 109 -3.64 -2.14 -7.99
C LYS B 109 -4.20 -1.46 -9.23
N TRP B 110 -5.40 -1.90 -9.63
CA TRP B 110 -6.03 -1.38 -10.83
C TRP B 110 -6.37 0.10 -10.72
N LYS B 111 -6.51 0.63 -9.50
CA LYS B 111 -6.90 2.02 -9.33
C LYS B 111 -5.84 2.98 -9.87
N ASP B 112 -4.59 2.52 -10.02
CA ASP B 112 -3.49 3.34 -10.51
C ASP B 112 -3.25 3.20 -12.01
N PHE B 113 -3.87 2.23 -12.66
CA PHE B 113 -3.78 2.05 -14.10
C PHE B 113 -4.93 2.80 -14.76
N HIS B 114 -4.62 3.91 -15.41
CA HIS B 114 -5.62 4.76 -16.04
C HIS B 114 -5.60 4.50 -17.54
N PHE B 115 -6.55 3.70 -18.01
CA PHE B 115 -6.73 3.40 -19.42
C PHE B 115 -8.21 3.52 -19.74
N GLU B 116 -8.55 3.41 -21.03
CA GLU B 116 -9.96 3.44 -21.43
C GLU B 116 -10.65 2.18 -20.92
N LYS B 117 -11.48 2.34 -19.89
CA LYS B 117 -12.12 1.21 -19.22
C LYS B 117 -13.53 1.04 -19.77
N ILE B 118 -13.71 0.04 -20.62
CA ILE B 118 -15.02 -0.26 -21.20
C ILE B 118 -15.83 -1.07 -20.19
N PRO B 119 -17.04 -0.63 -19.85
CA PRO B 119 -17.90 -1.45 -18.98
C PRO B 119 -18.25 -2.77 -19.66
N PHE B 120 -18.29 -3.83 -18.86
CA PHE B 120 -18.68 -5.13 -19.37
C PHE B 120 -20.09 -5.08 -19.95
N ASP B 121 -20.23 -5.57 -21.18
CA ASP B 121 -21.52 -5.57 -21.86
C ASP B 121 -21.89 -7.01 -22.18
N PRO B 122 -22.98 -7.53 -21.61
CA PRO B 122 -23.37 -8.92 -21.91
C PRO B 122 -23.64 -9.18 -23.38
N ALA B 123 -24.14 -8.19 -24.11
CA ALA B 123 -24.45 -8.36 -25.53
C ALA B 123 -23.20 -8.65 -26.35
N GLU B 124 -22.03 -8.25 -25.87
CA GLU B 124 -20.79 -8.54 -26.59
C GLU B 124 -20.44 -10.01 -26.59
N MET B 125 -21.03 -10.79 -25.69
CA MET B 125 -20.74 -12.22 -25.62
C MET B 125 -21.97 -13.06 -25.89
ZN ZN E . -2.48 5.90 23.61
ZN ZN F . 4.01 -16.64 -17.45
#